data_6SPM
#
_entry.id   6SPM
#
_cell.length_a   51.556
_cell.length_b   71.403
_cell.length_c   97.810
_cell.angle_alpha   90.000
_cell.angle_beta   90.000
_cell.angle_gamma   90.000
#
_symmetry.space_group_name_H-M   'P 21 21 21'
#
loop_
_entity.id
_entity.type
_entity.pdbx_description
1 polymer 'cAMP-dependent protein kinase catalytic subunit alpha'
2 non-polymer '4-(trifluoromethyl)benzoic acid'
3 non-polymer METHANOL
4 non-polymer 'DIMETHYL SULFOXIDE'
5 water water
#
_entity_poly.entity_id   1
_entity_poly.type   'polypeptide(L)'
_entity_poly.pdbx_seq_one_letter_code
;GHMGNAAAAKKGSEQESVKEFLAKAKEEFLKKWESPSQNTAQLDHFDRIKTLGTGSFGRVMLVKHKETGNHYAMKILDKQ
KVVKLKQIEHTLNEKRILQAVNFPFLVKLEFSFKDNSNLYMVMEYVPGGEMFSHLRRIGRF(SEP)EPHARFYAAQIVLT
FEYLHSLDLIYRDLKPENLLIDQQGYIQVTDFGFAKRVKGRTW(TPO)LCGTPEYLAPEIILSKGYNKAVDWWALGVLIY
EMAAGYPPFFADQPIQIYEKIVSGKVRFPSHFSSDLKDLLRNLLQVDLTKRFGNLKNGVNDIKNHKWFATTDWIAIYQRK
VEAPFIPKFKGPGDTSNFDDYEEEEIRV(SEP)INEKCGKEFTEF
;
_entity_poly.pdbx_strand_id   A
#
loop_
_chem_comp.id
_chem_comp.type
_chem_comp.name
_chem_comp.formula
3AE non-polymer '4-(trifluoromethyl)benzoic acid' 'C8 H5 F3 O2'
DMS non-polymer 'DIMETHYL SULFOXIDE' 'C2 H6 O S'
MOH non-polymer METHANOL 'C H4 O'
#
# COMPACT_ATOMS: atom_id res chain seq x y z
N GLU A 16 -21.03 -16.26 9.39
CA GLU A 16 -20.09 -17.28 9.85
C GLU A 16 -19.09 -17.60 8.77
N SER A 17 -19.50 -17.53 7.51
CA SER A 17 -18.58 -17.81 6.42
C SER A 17 -17.42 -16.82 6.41
N VAL A 18 -17.71 -15.55 6.68
CA VAL A 18 -16.66 -14.52 6.77
C VAL A 18 -15.80 -14.74 8.00
N LYS A 19 -16.43 -15.03 9.13
CA LYS A 19 -15.68 -15.29 10.36
C LYS A 19 -14.71 -16.45 10.16
N GLU A 20 -15.16 -17.54 9.54
CA GLU A 20 -14.30 -18.70 9.36
C GLU A 20 -13.20 -18.41 8.34
N PHE A 21 -13.51 -17.66 7.29
CA PHE A 21 -12.48 -17.23 6.34
C PHE A 21 -11.40 -16.46 7.07
N LEU A 22 -11.78 -15.46 7.87
CA LEU A 22 -10.78 -14.65 8.56
C LEU A 22 -10.03 -15.44 9.62
N ALA A 23 -10.69 -16.42 10.27
CA ALA A 23 -9.97 -17.24 11.23
C ALA A 23 -8.86 -18.03 10.55
N LYS A 24 -9.16 -18.61 9.38
CA LYS A 24 -8.13 -19.34 8.64
C LYS A 24 -7.04 -18.39 8.16
N ALA A 25 -7.43 -17.21 7.70
CA ALA A 25 -6.45 -16.23 7.26
C ALA A 25 -5.48 -15.90 8.37
N LYS A 26 -6.00 -15.73 9.59
CA LYS A 26 -5.13 -15.39 10.71
C LYS A 26 -4.23 -16.56 11.10
N GLU A 27 -4.76 -17.78 11.10
CA GLU A 27 -3.95 -18.96 11.38
C GLU A 27 -2.78 -19.05 10.43
N GLU A 28 -3.03 -18.84 9.13
CA GLU A 28 -1.99 -18.99 8.13
C GLU A 28 -0.96 -17.87 8.25
N PHE A 29 -1.43 -16.66 8.52
CA PHE A 29 -0.53 -15.55 8.75
C PHE A 29 0.38 -15.82 9.95
N LEU A 30 -0.22 -16.26 11.07
CA LEU A 30 0.56 -16.42 12.29
C LEU A 30 1.63 -17.48 12.13
N LYS A 31 1.35 -18.56 11.41
CA LYS A 31 2.38 -19.59 11.23
C LYS A 31 3.61 -19.01 10.53
N LYS A 32 3.41 -18.21 9.49
CA LYS A 32 4.55 -17.59 8.80
C LYS A 32 5.14 -16.45 9.61
N TRP A 33 4.32 -15.72 10.35
CA TRP A 33 4.79 -14.63 11.19
C TRP A 33 5.75 -15.14 12.25
N GLU A 34 5.46 -16.30 12.83
CA GLU A 34 6.26 -16.83 13.91
C GLU A 34 7.53 -17.49 13.41
N SER A 35 7.56 -17.93 12.15
CA SER A 35 8.72 -18.59 11.57
C SER A 35 9.01 -18.01 10.19
N PRO A 36 9.56 -16.79 10.13
CA PRO A 36 9.67 -16.12 8.83
C PRO A 36 10.68 -16.79 7.92
N SER A 37 10.38 -16.77 6.62
CA SER A 37 11.37 -17.20 5.64
C SER A 37 12.49 -16.18 5.55
N GLN A 38 13.67 -16.67 5.18
CA GLN A 38 14.87 -15.85 5.08
C GLN A 38 15.75 -16.39 3.97
N ASN A 39 16.42 -15.48 3.27
CA ASN A 39 17.54 -15.84 2.39
C ASN A 39 17.11 -16.83 1.31
N THR A 40 16.09 -16.45 0.53
CA THR A 40 15.49 -17.35 -0.44
C THR A 40 15.92 -17.09 -1.88
N ALA A 41 16.82 -16.16 -2.11
CA ALA A 41 17.44 -15.95 -3.42
C ALA A 41 18.76 -15.22 -3.19
N GLN A 42 19.45 -14.85 -4.27
CA GLN A 42 20.63 -14.01 -4.16
C GLN A 42 20.71 -13.12 -5.40
N LEU A 43 21.53 -12.07 -5.30
CA LEU A 43 21.50 -11.01 -6.30
C LEU A 43 21.88 -11.50 -7.69
N ASP A 44 22.89 -12.36 -7.78
CA ASP A 44 23.36 -12.81 -9.09
C ASP A 44 22.46 -13.86 -9.75
N HIS A 45 21.29 -14.15 -9.16
CA HIS A 45 20.27 -14.89 -9.88
C HIS A 45 19.46 -14.00 -10.82
N PHE A 46 19.70 -12.70 -10.83
CA PHE A 46 18.88 -11.74 -11.53
C PHE A 46 19.72 -10.84 -12.43
N ASP A 47 19.10 -10.42 -13.53
CA ASP A 47 19.57 -9.35 -14.38
C ASP A 47 18.79 -8.08 -14.06
N ARG A 48 19.47 -6.96 -14.03
CA ARG A 48 18.84 -5.66 -13.83
C ARG A 48 18.35 -5.12 -15.16
N ILE A 49 17.12 -4.58 -15.17
CA ILE A 49 16.50 -4.05 -16.38
C ILE A 49 16.33 -2.52 -16.33
N LYS A 50 15.69 -2.00 -15.28
CA LYS A 50 15.35 -0.59 -15.27
C LYS A 50 14.95 -0.18 -13.86
N THR A 51 15.30 1.05 -13.49
CA THR A 51 14.86 1.60 -12.22
C THR A 51 13.43 2.12 -12.37
N LEU A 52 12.54 1.64 -11.51
CA LEU A 52 11.13 2.02 -11.54
C LEU A 52 10.78 3.10 -10.53
N GLY A 53 11.60 3.29 -9.50
CA GLY A 53 11.31 4.27 -8.48
C GLY A 53 12.51 4.41 -7.55
N THR A 54 12.68 5.59 -6.96
N THR A 54 12.70 5.57 -6.93
CA THR A 54 13.79 5.83 -6.05
CA THR A 54 13.86 5.78 -6.07
C THR A 54 13.29 6.61 -4.85
C THR A 54 13.54 6.79 -4.98
N GLY A 55 14.06 6.53 -3.77
CA GLY A 55 13.77 7.31 -2.58
C GLY A 55 15.03 7.56 -1.76
N SER A 56 14.84 7.99 -0.51
N SER A 56 14.84 7.99 -0.51
CA SER A 56 15.97 8.43 0.32
CA SER A 56 15.97 8.42 0.30
C SER A 56 16.79 7.27 0.89
C SER A 56 16.83 7.24 0.74
N PHE A 57 16.24 6.06 0.92
CA PHE A 57 17.00 4.91 1.41
C PHE A 57 16.85 3.66 0.56
N GLY A 58 16.10 3.71 -0.53
CA GLY A 58 15.96 2.54 -1.37
C GLY A 58 15.47 2.90 -2.76
N ARG A 59 15.33 1.83 -3.55
N ARG A 59 15.27 1.85 -3.55
CA ARG A 59 14.89 1.91 -4.94
CA ARG A 59 14.74 2.01 -4.90
C ARG A 59 14.03 0.69 -5.24
C ARG A 59 14.11 0.69 -5.30
N VAL A 60 13.33 0.73 -6.37
CA VAL A 60 12.69 -0.47 -6.91
C VAL A 60 13.17 -0.62 -8.35
N MET A 61 13.65 -1.81 -8.67
N MET A 61 13.65 -1.80 -8.69
CA MET A 61 14.18 -2.17 -9.97
CA MET A 61 14.15 -2.07 -10.03
C MET A 61 13.27 -3.21 -10.60
C MET A 61 13.44 -3.25 -10.64
N LEU A 62 13.08 -3.11 -11.92
CA LEU A 62 12.64 -4.26 -12.69
C LEU A 62 13.85 -5.16 -12.92
N VAL A 63 13.70 -6.44 -12.59
CA VAL A 63 14.75 -7.44 -12.78
C VAL A 63 14.13 -8.63 -13.49
N LYS A 64 15.00 -9.47 -14.02
CA LYS A 64 14.60 -10.71 -14.66
C LYS A 64 15.40 -11.85 -14.06
N HIS A 65 14.72 -12.90 -13.63
CA HIS A 65 15.40 -14.09 -13.15
C HIS A 65 16.09 -14.81 -14.30
N LYS A 66 17.38 -15.08 -14.15
CA LYS A 66 18.18 -15.57 -15.27
C LYS A 66 17.86 -17.00 -15.67
N GLU A 67 17.32 -17.80 -14.76
CA GLU A 67 17.00 -19.20 -15.05
C GLU A 67 15.56 -19.37 -15.54
N THR A 68 14.60 -18.71 -14.88
CA THR A 68 13.19 -18.90 -15.22
C THR A 68 12.69 -17.89 -16.23
N GLY A 69 13.36 -16.74 -16.35
CA GLY A 69 12.92 -15.67 -17.22
C GLY A 69 11.80 -14.83 -16.65
N ASN A 70 11.36 -15.08 -15.43
CA ASN A 70 10.29 -14.28 -14.84
C ASN A 70 10.80 -12.90 -14.47
N HIS A 71 9.94 -11.90 -14.65
CA HIS A 71 10.20 -10.54 -14.21
C HIS A 71 9.69 -10.32 -12.81
N TYR A 72 10.40 -9.47 -12.07
CA TYR A 72 10.04 -9.11 -10.70
C TYR A 72 10.41 -7.64 -10.47
N ALA A 73 9.79 -7.06 -9.45
CA ALA A 73 10.16 -5.73 -8.96
C ALA A 73 10.97 -5.92 -7.69
N MET A 74 12.25 -5.58 -7.76
CA MET A 74 13.18 -5.81 -6.66
C MET A 74 13.36 -4.50 -5.90
N LYS A 75 12.91 -4.49 -4.65
CA LYS A 75 13.09 -3.36 -3.76
C LYS A 75 14.43 -3.51 -3.05
N ILE A 76 15.29 -2.52 -3.18
CA ILE A 76 16.66 -2.55 -2.69
C ILE A 76 16.80 -1.45 -1.65
N LEU A 77 17.08 -1.81 -0.41
CA LEU A 77 17.23 -0.85 0.67
C LEU A 77 18.68 -0.81 1.12
N ASP A 78 19.25 0.39 1.19
CA ASP A 78 20.63 0.57 1.63
C ASP A 78 20.66 0.56 3.15
N LYS A 79 21.31 -0.46 3.73
CA LYS A 79 21.27 -0.64 5.19
C LYS A 79 21.76 0.60 5.93
N GLN A 80 22.87 1.18 5.51
CA GLN A 80 23.40 2.34 6.23
C GLN A 80 22.41 3.50 6.18
N LYS A 81 21.70 3.67 5.07
CA LYS A 81 20.74 4.76 4.98
C LYS A 81 19.48 4.48 5.78
N VAL A 82 19.07 3.21 5.84
CA VAL A 82 17.94 2.83 6.69
C VAL A 82 18.23 3.18 8.13
N VAL A 83 19.45 2.89 8.60
CA VAL A 83 19.85 3.21 9.97
C VAL A 83 19.80 4.72 10.19
N LYS A 84 20.41 5.49 9.29
CA LYS A 84 20.51 6.93 9.49
C LYS A 84 19.14 7.59 9.52
N LEU A 85 18.22 7.10 8.69
CA LEU A 85 16.86 7.63 8.63
C LEU A 85 15.91 6.97 9.61
N LYS A 86 16.45 6.16 10.54
CA LYS A 86 15.68 5.61 11.65
C LYS A 86 14.51 4.74 11.16
N GLN A 87 14.77 3.97 10.11
CA GLN A 87 13.80 3.07 9.52
C GLN A 87 14.11 1.59 9.80
N ILE A 88 14.95 1.26 10.79
CA ILE A 88 15.31 -0.15 10.99
C ILE A 88 14.06 -1.00 11.26
N GLU A 89 13.32 -0.66 12.32
N GLU A 89 13.32 -0.65 12.31
CA GLU A 89 12.14 -1.43 12.67
CA GLU A 89 12.15 -1.44 12.66
C GLU A 89 11.14 -1.46 11.52
C GLU A 89 11.13 -1.46 11.53
N HIS A 90 10.97 -0.33 10.84
CA HIS A 90 10.03 -0.28 9.72
C HIS A 90 10.41 -1.25 8.63
N THR A 91 11.70 -1.34 8.30
N THR A 91 11.70 -1.36 8.29
CA THR A 91 12.14 -2.27 7.27
CA THR A 91 12.08 -2.29 7.22
C THR A 91 11.91 -3.70 7.70
C THR A 91 11.96 -3.74 7.67
N LEU A 92 12.22 -4.02 8.96
CA LEU A 92 12.00 -5.37 9.46
C LEU A 92 10.51 -5.70 9.49
N ASN A 93 9.67 -4.73 9.86
CA ASN A 93 8.23 -4.89 9.78
C ASN A 93 7.81 -5.25 8.36
N GLU A 94 8.27 -4.46 7.39
CA GLU A 94 7.83 -4.63 6.01
C GLU A 94 8.09 -6.06 5.54
N LYS A 95 9.31 -6.55 5.74
CA LYS A 95 9.64 -7.88 5.25
C LYS A 95 8.94 -8.97 6.05
N ARG A 96 8.88 -8.85 7.38
CA ARG A 96 8.24 -9.91 8.16
C ARG A 96 6.75 -10.02 7.84
N ILE A 97 6.10 -8.88 7.65
CA ILE A 97 4.68 -8.88 7.30
C ILE A 97 4.48 -9.43 5.89
N LEU A 98 5.24 -8.91 4.92
CA LEU A 98 5.02 -9.34 3.54
C LEU A 98 5.24 -10.82 3.35
N GLN A 99 6.24 -11.41 4.02
CA GLN A 99 6.44 -12.83 3.83
C GLN A 99 5.33 -13.67 4.47
N ALA A 100 4.48 -13.05 5.30
CA ALA A 100 3.44 -13.78 6.02
C ALA A 100 2.01 -13.57 5.49
N VAL A 101 1.77 -12.55 4.67
CA VAL A 101 0.41 -12.25 4.22
C VAL A 101 0.12 -12.91 2.88
N ASN A 102 -1.17 -12.96 2.56
CA ASN A 102 -1.63 -13.60 1.32
C ASN A 102 -3.03 -13.10 1.07
N PHE A 103 -3.20 -12.23 0.07
CA PHE A 103 -4.53 -11.69 -0.22
C PHE A 103 -4.55 -11.27 -1.69
N PRO A 104 -5.71 -11.35 -2.37
CA PRO A 104 -5.71 -11.10 -3.81
C PRO A 104 -5.26 -9.73 -4.22
N PHE A 105 -5.39 -8.74 -3.34
CA PHE A 105 -5.11 -7.35 -3.69
C PHE A 105 -3.84 -6.83 -3.04
N LEU A 106 -2.94 -7.73 -2.62
CA LEU A 106 -1.61 -7.36 -2.14
C LEU A 106 -0.55 -7.89 -3.10
N VAL A 107 0.39 -7.03 -3.52
CA VAL A 107 1.55 -7.52 -4.25
C VAL A 107 2.27 -8.58 -3.41
N LYS A 108 2.60 -9.69 -4.04
CA LYS A 108 3.24 -10.81 -3.36
C LYS A 108 4.74 -10.65 -3.29
N LEU A 109 5.29 -10.96 -2.13
CA LEU A 109 6.73 -11.11 -1.96
C LEU A 109 7.11 -12.51 -2.43
N GLU A 110 8.04 -12.58 -3.37
CA GLU A 110 8.48 -13.86 -3.93
C GLU A 110 9.79 -14.35 -3.31
N PHE A 111 10.74 -13.45 -3.05
CA PHE A 111 12.00 -13.81 -2.42
C PHE A 111 12.47 -12.64 -1.56
N SER A 112 13.34 -12.94 -0.60
CA SER A 112 14.05 -11.90 0.12
C SER A 112 15.44 -12.40 0.49
N PHE A 113 16.36 -11.46 0.67
CA PHE A 113 17.74 -11.77 1.04
C PHE A 113 18.43 -10.46 1.35
N LYS A 114 19.66 -10.57 1.87
CA LYS A 114 20.48 -9.42 2.18
C LYS A 114 21.92 -9.73 1.82
N ASP A 115 22.72 -8.70 1.70
CA ASP A 115 24.16 -8.86 1.50
C ASP A 115 24.88 -7.84 2.38
N ASN A 116 26.17 -7.61 2.12
CA ASN A 116 26.92 -6.73 2.99
C ASN A 116 26.35 -5.32 3.05
N SER A 117 25.70 -4.87 1.98
CA SER A 117 25.26 -3.47 1.90
C SER A 117 23.76 -3.28 1.94
N ASN A 118 22.96 -4.20 1.38
CA ASN A 118 21.57 -3.93 1.07
C ASN A 118 20.65 -5.03 1.58
N LEU A 119 19.39 -4.66 1.73
CA LEU A 119 18.28 -5.58 1.92
C LEU A 119 17.51 -5.64 0.60
N TYR A 120 17.01 -6.84 0.27
CA TYR A 120 16.30 -7.06 -0.98
C TYR A 120 14.95 -7.74 -0.73
N MET A 121 13.90 -7.18 -1.30
CA MET A 121 12.58 -7.81 -1.34
C MET A 121 12.20 -7.91 -2.81
N VAL A 122 12.06 -9.14 -3.30
CA VAL A 122 11.78 -9.39 -4.71
C VAL A 122 10.28 -9.65 -4.78
N MET A 123 9.55 -8.69 -5.37
N MET A 123 9.55 -8.74 -5.43
CA MET A 123 8.11 -8.64 -5.44
CA MET A 123 8.09 -8.75 -5.44
C MET A 123 7.61 -9.03 -6.82
C MET A 123 7.58 -8.96 -6.85
N GLU A 124 6.35 -9.44 -6.90
N GLU A 124 6.36 -9.47 -6.95
CA GLU A 124 5.72 -9.53 -8.21
CA GLU A 124 5.72 -9.58 -8.26
C GLU A 124 5.77 -8.18 -8.91
C GLU A 124 5.67 -8.21 -8.93
N TYR A 125 5.96 -8.20 -10.22
CA TYR A 125 5.94 -6.98 -11.03
C TYR A 125 4.56 -6.80 -11.63
N VAL A 126 4.00 -5.61 -11.44
CA VAL A 126 2.65 -5.27 -11.92
C VAL A 126 2.81 -4.21 -13.01
N PRO A 127 2.76 -4.60 -14.30
CA PRO A 127 3.18 -3.68 -15.36
C PRO A 127 2.20 -2.56 -15.66
N GLY A 128 1.00 -2.60 -15.12
CA GLY A 128 0.04 -1.55 -15.45
C GLY A 128 0.32 -0.21 -14.81
N GLY A 129 1.24 -0.15 -13.87
CA GLY A 129 1.60 1.11 -13.25
C GLY A 129 0.73 1.50 -12.07
N GLU A 130 1.06 2.66 -11.52
CA GLU A 130 0.40 3.18 -10.35
C GLU A 130 -0.96 3.80 -10.69
N MET A 131 -1.94 3.56 -9.81
N MET A 131 -1.93 3.57 -9.80
CA MET A 131 -3.21 4.25 -9.93
CA MET A 131 -3.22 4.25 -9.97
C MET A 131 -3.00 5.74 -10.11
C MET A 131 -3.05 5.76 -10.05
N PHE A 132 -2.03 6.30 -9.37
CA PHE A 132 -1.75 7.73 -9.43
C PHE A 132 -1.60 8.23 -10.87
N SER A 133 -0.84 7.51 -11.71
N SER A 133 -0.80 7.53 -11.69
CA SER A 133 -0.62 8.00 -13.07
CA SER A 133 -0.61 7.96 -13.07
C SER A 133 -1.88 7.93 -13.91
C SER A 133 -1.93 7.98 -13.83
N HIS A 134 -2.71 6.90 -13.71
CA HIS A 134 -3.96 6.81 -14.44
C HIS A 134 -4.94 7.88 -14.00
N LEU A 135 -5.01 8.12 -12.68
CA LEU A 135 -5.89 9.16 -12.16
C LEU A 135 -5.50 10.52 -12.69
N ARG A 136 -4.20 10.83 -12.69
CA ARG A 136 -3.77 12.14 -13.16
C ARG A 136 -3.95 12.27 -14.67
N ARG A 137 -3.88 11.17 -15.41
N ARG A 137 -3.80 11.18 -15.42
CA ARG A 137 -4.05 11.24 -16.86
CA ARG A 137 -4.07 11.23 -16.86
C ARG A 137 -5.51 11.45 -17.26
C ARG A 137 -5.52 11.63 -17.12
N ILE A 138 -6.46 10.88 -16.53
CA ILE A 138 -7.87 11.05 -16.88
C ILE A 138 -8.54 12.18 -16.12
N GLY A 139 -7.95 12.63 -15.02
CA GLY A 139 -8.50 13.72 -14.24
C GLY A 139 -9.18 13.23 -12.99
N ARG A 140 -10.31 12.54 -13.15
CA ARG A 140 -10.98 11.91 -12.03
C ARG A 140 -11.67 10.66 -12.54
N PHE A 141 -11.93 9.74 -11.61
CA PHE A 141 -12.69 8.55 -11.91
C PHE A 141 -14.17 8.78 -11.65
N SEP A 142 -15.03 8.16 -12.44
CA SEP A 142 -16.46 8.15 -12.15
CB SEP A 142 -17.20 7.41 -13.25
OG SEP A 142 -16.93 6.01 -13.16
C SEP A 142 -16.70 7.43 -10.80
O SEP A 142 -15.84 6.68 -10.34
P SEP A 142 -17.38 5.15 -14.46
O1P SEP A 142 -16.61 5.75 -15.72
O2P SEP A 142 -16.94 3.63 -14.18
O3P SEP A 142 -18.92 5.31 -14.68
H SEP A 142 -14.82 7.74 -13.16
HA SEP A 142 -16.80 9.06 -12.08
HB2 SEP A 142 -16.90 7.74 -14.11
HB3 SEP A 142 -18.15 7.56 -13.15
N GLU A 143 -17.86 7.63 -10.19
CA GLU A 143 -18.13 6.96 -8.93
C GLU A 143 -18.07 5.44 -9.04
N PRO A 144 -18.60 4.83 -10.10
CA PRO A 144 -18.48 3.38 -10.20
C PRO A 144 -17.05 2.91 -10.24
N HIS A 145 -16.21 3.66 -10.95
CA HIS A 145 -14.80 3.30 -11.10
C HIS A 145 -14.07 3.46 -9.77
N ALA A 146 -14.30 4.58 -9.08
CA ALA A 146 -13.73 4.77 -7.75
C ALA A 146 -14.22 3.70 -6.80
N ARG A 147 -15.51 3.33 -6.89
CA ARG A 147 -16.10 2.34 -6.00
C ARG A 147 -15.48 0.96 -6.19
N PHE A 148 -15.21 0.58 -7.44
CA PHE A 148 -14.56 -0.69 -7.72
C PHE A 148 -13.21 -0.79 -7.00
N TYR A 149 -12.37 0.25 -7.12
CA TYR A 149 -11.10 0.27 -6.39
C TYR A 149 -11.31 0.34 -4.88
N ALA A 150 -12.24 1.18 -4.42
CA ALA A 150 -12.47 1.35 -3.00
C ALA A 150 -12.88 0.02 -2.36
N ALA A 151 -13.72 -0.76 -3.04
CA ALA A 151 -14.16 -2.04 -2.50
C ALA A 151 -12.98 -2.96 -2.24
N GLN A 152 -12.00 -2.96 -3.14
CA GLN A 152 -10.83 -3.78 -2.96
C GLN A 152 -10.01 -3.33 -1.76
N ILE A 153 -9.90 -2.02 -1.55
CA ILE A 153 -9.23 -1.52 -0.35
C ILE A 153 -9.99 -1.90 0.91
N VAL A 154 -11.33 -1.82 0.88
CA VAL A 154 -12.11 -2.19 2.07
C VAL A 154 -11.84 -3.64 2.45
N LEU A 155 -11.88 -4.54 1.47
CA LEU A 155 -11.62 -5.95 1.76
C LEU A 155 -10.18 -6.16 2.22
N THR A 156 -9.24 -5.45 1.60
CA THR A 156 -7.84 -5.58 2.00
C THR A 156 -7.63 -5.14 3.43
N PHE A 157 -8.26 -4.03 3.84
CA PHE A 157 -8.14 -3.55 5.20
C PHE A 157 -8.88 -4.46 6.17
N GLU A 158 -10.02 -5.02 5.76
CA GLU A 158 -10.68 -6.01 6.62
C GLU A 158 -9.72 -7.16 6.92
N TYR A 159 -9.04 -7.64 5.88
CA TYR A 159 -8.05 -8.71 6.03
C TYR A 159 -6.90 -8.28 6.94
N LEU A 160 -6.23 -7.17 6.59
CA LEU A 160 -5.07 -6.73 7.36
C LEU A 160 -5.43 -6.45 8.82
N HIS A 161 -6.53 -5.74 9.05
CA HIS A 161 -6.89 -5.41 10.43
C HIS A 161 -7.23 -6.65 11.23
N SER A 162 -7.80 -7.67 10.61
CA SER A 162 -8.12 -8.90 11.34
C SER A 162 -6.85 -9.60 11.82
N LEU A 163 -5.73 -9.37 11.14
CA LEU A 163 -4.41 -9.89 11.53
C LEU A 163 -3.69 -8.96 12.49
N ASP A 164 -4.36 -7.89 12.95
CA ASP A 164 -3.75 -6.88 13.82
C ASP A 164 -2.70 -6.04 13.10
N LEU A 165 -2.83 -5.92 11.78
CA LEU A 165 -1.91 -5.12 10.99
C LEU A 165 -2.55 -3.78 10.64
N ILE A 166 -1.78 -2.71 10.77
CA ILE A 166 -2.16 -1.39 10.27
C ILE A 166 -1.26 -1.10 9.07
N TYR A 167 -1.85 -0.58 8.00
CA TYR A 167 -1.11 -0.38 6.75
C TYR A 167 -0.34 0.94 6.72
N ARG A 168 -1.00 2.06 7.02
CA ARG A 168 -0.39 3.36 7.28
C ARG A 168 0.28 4.03 6.07
N ASP A 169 0.04 3.57 4.86
CA ASP A 169 0.61 4.29 3.73
C ASP A 169 -0.33 4.30 2.54
N LEU A 170 -1.63 4.36 2.77
CA LEU A 170 -2.56 4.42 1.64
C LEU A 170 -2.42 5.74 0.91
N LYS A 171 -2.25 5.66 -0.40
CA LYS A 171 -2.17 6.79 -1.31
C LYS A 171 -2.16 6.23 -2.73
N PRO A 172 -2.50 7.04 -3.73
CA PRO A 172 -2.66 6.47 -5.08
C PRO A 172 -1.39 5.86 -5.64
N GLU A 173 -0.22 6.36 -5.23
CA GLU A 173 1.04 5.83 -5.75
C GLU A 173 1.28 4.38 -5.34
N ASN A 174 0.67 3.93 -4.24
CA ASN A 174 0.91 2.59 -3.74
C ASN A 174 -0.10 1.57 -4.23
N LEU A 175 -1.00 1.96 -5.10
CA LEU A 175 -2.00 1.06 -5.65
C LEU A 175 -1.64 0.81 -7.10
N LEU A 176 -1.15 -0.39 -7.40
CA LEU A 176 -0.77 -0.74 -8.76
C LEU A 176 -1.97 -1.40 -9.43
N ILE A 177 -2.07 -1.23 -10.75
N ILE A 177 -2.07 -1.19 -10.74
CA ILE A 177 -3.20 -1.76 -11.52
CA ILE A 177 -3.16 -1.75 -11.56
C ILE A 177 -2.71 -2.90 -12.39
C ILE A 177 -2.61 -2.93 -12.32
N ASP A 178 -3.26 -4.09 -12.16
CA ASP A 178 -2.75 -5.31 -12.76
C ASP A 178 -3.38 -5.56 -14.13
N GLN A 179 -3.01 -6.71 -14.71
CA GLN A 179 -3.40 -7.04 -16.07
C GLN A 179 -4.89 -7.23 -16.22
N GLN A 180 -5.62 -7.46 -15.12
CA GLN A 180 -7.06 -7.59 -15.14
C GLN A 180 -7.74 -6.29 -14.73
N GLY A 181 -6.98 -5.24 -14.47
CA GLY A 181 -7.55 -3.98 -14.00
C GLY A 181 -7.83 -3.91 -12.51
N TYR A 182 -7.40 -4.90 -11.75
CA TYR A 182 -7.56 -4.90 -10.30
C TYR A 182 -6.36 -4.25 -9.61
N ILE A 183 -6.59 -3.84 -8.38
CA ILE A 183 -5.57 -3.21 -7.53
C ILE A 183 -4.67 -4.27 -6.92
N GLN A 184 -3.38 -3.94 -6.85
N GLN A 184 -3.38 -3.96 -6.85
CA GLN A 184 -2.39 -4.63 -6.03
CA GLN A 184 -2.46 -4.67 -5.96
C GLN A 184 -1.70 -3.58 -5.17
C GLN A 184 -1.68 -3.64 -5.17
N VAL A 185 -1.83 -3.69 -3.85
CA VAL A 185 -1.21 -2.72 -2.95
C VAL A 185 0.26 -3.07 -2.77
N THR A 186 1.13 -2.08 -2.93
CA THR A 186 2.54 -2.23 -2.70
C THR A 186 3.02 -1.25 -1.63
N ASP A 187 4.22 -1.54 -1.12
CA ASP A 187 4.95 -0.72 -0.14
C ASP A 187 4.36 -0.92 1.25
N PHE A 188 4.94 -1.88 1.98
CA PHE A 188 4.58 -2.12 3.36
C PHE A 188 5.58 -1.49 4.32
N GLY A 189 6.28 -0.44 3.86
CA GLY A 189 7.31 0.20 4.66
C GLY A 189 6.83 0.80 5.97
N PHE A 190 5.56 1.18 6.05
CA PHE A 190 4.99 1.68 7.30
C PHE A 190 4.02 0.70 7.96
N ALA A 191 3.83 -0.49 7.40
CA ALA A 191 2.90 -1.45 7.97
C ALA A 191 3.45 -2.01 9.27
N LYS A 192 2.55 -2.30 10.21
CA LYS A 192 3.00 -2.73 11.52
C LYS A 192 1.95 -3.63 12.17
N ARG A 193 2.42 -4.64 12.89
CA ARG A 193 1.51 -5.42 13.72
C ARG A 193 1.32 -4.71 15.05
N VAL A 194 0.07 -4.36 15.35
CA VAL A 194 -0.31 -3.46 16.44
C VAL A 194 -1.55 -4.05 17.08
N LYS A 195 -1.44 -4.49 18.33
CA LYS A 195 -2.59 -4.74 19.19
C LYS A 195 -2.65 -3.52 20.09
N GLY A 196 -3.68 -2.72 19.92
CA GLY A 196 -3.83 -1.53 20.70
C GLY A 196 -3.38 -0.33 19.90
N ARG A 197 -2.43 0.42 20.43
CA ARG A 197 -2.05 1.71 19.89
C ARG A 197 -0.61 1.67 19.42
N THR A 198 -0.28 2.62 18.56
CA THR A 198 1.09 2.85 18.14
C THR A 198 1.25 4.36 17.97
N TRP A 199 2.49 4.82 17.85
CA TRP A 199 2.78 6.25 18.00
C TRP A 199 3.63 6.90 16.90
N TPO A 200 4.17 6.13 15.95
CA TPO A 200 5.12 6.72 15.03
CB TPO A 200 5.88 5.65 14.24
CG2 TPO A 200 7.03 6.29 13.46
OG1 TPO A 200 6.45 4.71 15.13
P TPO A 200 5.83 3.24 15.01
O1P TPO A 200 6.42 2.40 16.21
O2P TPO A 200 6.16 2.67 13.69
O3P TPO A 200 4.26 3.37 15.21
C TPO A 200 4.48 7.71 14.06
O TPO A 200 3.45 7.42 13.45
H TPO A 200 4.01 5.29 15.84
HA TPO A 200 5.76 7.22 15.56
HB TPO A 200 5.18 5.15 13.56
HG21 TPO A 200 7.64 5.52 12.99
HG22 TPO A 200 7.66 6.86 14.15
HG23 TPO A 200 6.63 6.96 12.70
N LEU A 201 5.13 8.85 13.87
CA LEU A 201 4.74 9.79 12.82
C LEU A 201 5.22 9.26 11.46
N CYS A 202 4.27 8.85 10.63
CA CYS A 202 4.58 8.35 9.29
C CYS A 202 3.31 8.41 8.44
N GLY A 203 3.52 8.36 7.13
CA GLY A 203 2.47 8.55 6.13
C GLY A 203 2.76 9.76 5.25
N THR A 204 1.91 9.96 4.27
CA THR A 204 2.11 11.16 3.45
C THR A 204 1.16 12.27 3.90
N PRO A 205 1.59 13.54 3.85
CA PRO A 205 0.79 14.61 4.49
C PRO A 205 -0.69 14.62 4.16
N GLU A 206 -1.07 14.51 2.88
CA GLU A 206 -2.46 14.65 2.50
C GLU A 206 -3.33 13.53 3.08
N TYR A 207 -2.73 12.42 3.48
CA TYR A 207 -3.46 11.23 3.92
C TYR A 207 -3.42 11.02 5.42
N LEU A 208 -2.76 11.89 6.19
CA LEU A 208 -2.61 11.66 7.62
C LEU A 208 -3.91 11.95 8.38
N ALA A 209 -4.29 11.02 9.26
CA ALA A 209 -5.43 11.25 10.13
C ALA A 209 -5.08 12.31 11.18
N PRO A 210 -6.09 13.02 11.69
CA PRO A 210 -5.83 14.05 12.71
C PRO A 210 -5.05 13.53 13.90
N GLU A 211 -5.34 12.30 14.35
CA GLU A 211 -4.67 11.82 15.56
C GLU A 211 -3.19 11.55 15.33
N ILE A 212 -2.77 11.33 14.07
CA ILE A 212 -1.33 11.23 13.77
C ILE A 212 -0.71 12.61 13.85
N ILE A 213 -1.34 13.60 13.23
CA ILE A 213 -0.83 14.97 13.26
C ILE A 213 -0.66 15.44 14.69
N LEU A 214 -1.62 15.11 15.55
CA LEU A 214 -1.63 15.57 16.93
C LEU A 214 -0.81 14.70 17.87
N SER A 215 -0.07 13.72 17.35
CA SER A 215 0.91 12.97 18.13
C SER A 215 0.26 12.09 19.19
N LYS A 216 -0.91 11.55 18.89
CA LYS A 216 -1.60 10.67 19.80
C LYS A 216 -1.19 9.22 19.57
N GLY A 217 -1.52 8.38 20.55
CA GLY A 217 -1.50 6.95 20.33
C GLY A 217 -2.69 6.59 19.47
N TYR A 218 -2.44 6.00 18.31
CA TYR A 218 -3.51 5.80 17.34
C TYR A 218 -3.57 4.33 16.94
N ASN A 219 -4.61 3.99 16.20
CA ASN A 219 -4.91 2.59 15.91
C ASN A 219 -5.35 2.48 14.46
N LYS A 220 -5.99 1.36 14.14
CA LYS A 220 -6.37 1.03 12.77
C LYS A 220 -7.35 2.04 12.18
N ALA A 221 -7.97 2.88 13.00
CA ALA A 221 -8.86 3.90 12.45
C ALA A 221 -8.16 4.84 11.50
N VAL A 222 -6.83 4.96 11.59
CA VAL A 222 -6.13 5.84 10.66
C VAL A 222 -6.21 5.33 9.23
N ASP A 223 -6.31 4.02 9.05
CA ASP A 223 -6.45 3.46 7.71
C ASP A 223 -7.80 3.80 7.11
N TRP A 224 -8.86 3.80 7.93
CA TRP A 224 -10.19 4.14 7.43
C TRP A 224 -10.28 5.62 7.08
N TRP A 225 -9.65 6.49 7.88
CA TRP A 225 -9.52 7.89 7.48
C TRP A 225 -8.85 8.00 6.12
N ALA A 226 -7.72 7.32 5.95
CA ALA A 226 -7.00 7.39 4.69
C ALA A 226 -7.86 6.89 3.53
N LEU A 227 -8.71 5.88 3.76
CA LEU A 227 -9.63 5.44 2.71
C LEU A 227 -10.57 6.57 2.30
N GLY A 228 -11.07 7.34 3.27
CA GLY A 228 -11.87 8.50 2.94
C GLY A 228 -11.12 9.45 2.04
N VAL A 229 -9.86 9.73 2.37
CA VAL A 229 -9.06 10.62 1.53
C VAL A 229 -8.93 10.05 0.12
N LEU A 230 -8.63 8.76 0.02
CA LEU A 230 -8.44 8.11 -1.27
C LEU A 230 -9.70 8.16 -2.11
N ILE A 231 -10.84 7.85 -1.50
CA ILE A 231 -12.09 7.88 -2.26
C ILE A 231 -12.38 9.28 -2.77
N TYR A 232 -12.23 10.27 -1.90
CA TYR A 232 -12.40 11.66 -2.31
C TYR A 232 -11.48 12.00 -3.48
N GLU A 233 -10.20 11.65 -3.36
CA GLU A 233 -9.25 12.00 -4.42
C GLU A 233 -9.58 11.29 -5.73
N MET A 234 -9.94 10.01 -5.66
CA MET A 234 -10.35 9.31 -6.89
C MET A 234 -11.53 9.99 -7.56
N ALA A 235 -12.53 10.40 -6.77
CA ALA A 235 -13.77 10.89 -7.35
C ALA A 235 -13.71 12.36 -7.72
N ALA A 236 -12.83 13.13 -7.08
CA ALA A 236 -12.69 14.56 -7.37
C ALA A 236 -11.51 14.88 -8.27
N GLY A 237 -10.44 14.09 -8.19
CA GLY A 237 -9.20 14.35 -8.89
C GLY A 237 -8.15 15.06 -8.05
N TYR A 238 -8.46 15.41 -6.81
CA TYR A 238 -7.56 16.09 -5.90
C TYR A 238 -8.00 15.73 -4.49
N PRO A 239 -7.12 15.83 -3.51
CA PRO A 239 -7.46 15.36 -2.15
C PRO A 239 -8.20 16.43 -1.37
N PRO A 240 -8.91 16.02 -0.31
CA PRO A 240 -9.86 16.94 0.33
C PRO A 240 -9.21 18.07 1.10
N PHE A 241 -7.99 17.88 1.59
CA PHE A 241 -7.34 18.86 2.44
C PHE A 241 -6.18 19.52 1.74
N PHE A 242 -6.25 19.59 0.40
CA PHE A 242 -5.17 20.12 -0.40
C PHE A 242 -4.78 21.54 0.00
N ALA A 243 -3.48 21.77 0.12
CA ALA A 243 -2.92 23.10 0.29
C ALA A 243 -1.48 23.05 -0.18
N ASP A 244 -0.87 24.24 -0.32
CA ASP A 244 0.46 24.34 -0.91
C ASP A 244 1.58 23.84 0.00
N GLN A 245 1.44 23.98 1.32
CA GLN A 245 2.46 23.60 2.29
C GLN A 245 1.92 22.60 3.30
N PRO A 246 2.74 21.67 3.80
CA PRO A 246 2.22 20.69 4.78
C PRO A 246 1.50 21.32 5.96
N ILE A 247 2.03 22.39 6.54
CA ILE A 247 1.39 22.97 7.72
C ILE A 247 -0.04 23.38 7.41
N GLN A 248 -0.27 23.89 6.20
CA GLN A 248 -1.61 24.27 5.80
C GLN A 248 -2.49 23.04 5.61
N ILE A 249 -1.92 21.96 5.06
CA ILE A 249 -2.66 20.72 4.94
C ILE A 249 -3.10 20.24 6.31
N TYR A 250 -2.17 20.26 7.27
CA TYR A 250 -2.46 19.75 8.61
C TYR A 250 -3.55 20.58 9.30
N GLU A 251 -3.50 21.91 9.13
CA GLU A 251 -4.55 22.74 9.69
C GLU A 251 -5.91 22.37 9.16
N LYS A 252 -6.01 22.14 7.84
CA LYS A 252 -7.28 21.73 7.27
C LYS A 252 -7.73 20.38 7.79
N ILE A 253 -6.80 19.40 7.87
CA ILE A 253 -7.15 18.07 8.33
C ILE A 253 -7.78 18.11 9.72
N VAL A 254 -7.13 18.82 10.66
CA VAL A 254 -7.62 18.82 12.03
C VAL A 254 -8.87 19.66 12.23
N SER A 255 -9.22 20.52 11.26
CA SER A 255 -10.31 21.47 11.42
C SER A 255 -11.70 20.82 11.46
N GLY A 256 -11.85 19.64 10.89
CA GLY A 256 -13.16 19.01 10.83
C GLY A 256 -14.08 19.59 9.78
N LYS A 257 -13.52 20.28 8.79
CA LYS A 257 -14.27 20.85 7.68
C LYS A 257 -13.75 20.29 6.37
N VAL A 258 -14.66 19.84 5.52
CA VAL A 258 -14.33 19.40 4.17
C VAL A 258 -15.41 19.91 3.24
N ARG A 259 -15.02 20.30 2.04
CA ARG A 259 -15.95 20.75 1.01
C ARG A 259 -16.03 19.69 -0.06
N PHE A 260 -17.22 19.41 -0.53
CA PHE A 260 -17.40 18.39 -1.55
C PHE A 260 -17.79 19.02 -2.88
N PRO A 261 -17.24 18.54 -4.01
CA PRO A 261 -17.73 18.98 -5.32
C PRO A 261 -19.22 18.69 -5.46
N SER A 262 -19.93 19.60 -6.13
CA SER A 262 -21.36 19.40 -6.39
C SER A 262 -21.62 18.13 -7.18
N HIS A 263 -20.67 17.67 -8.00
CA HIS A 263 -20.95 16.46 -8.75
C HIS A 263 -20.94 15.20 -7.90
N PHE A 264 -20.43 15.24 -6.67
CA PHE A 264 -20.52 14.07 -5.78
C PHE A 264 -21.98 13.74 -5.50
N SER A 265 -22.32 12.45 -5.54
CA SER A 265 -23.62 11.99 -5.09
C SER A 265 -23.80 12.22 -3.59
N SER A 266 -25.06 12.27 -3.17
CA SER A 266 -25.34 12.39 -1.75
C SER A 266 -24.82 11.20 -0.97
N ASP A 267 -24.92 10.00 -1.54
CA ASP A 267 -24.40 8.82 -0.87
C ASP A 267 -22.90 8.93 -0.67
N LEU A 268 -22.17 9.38 -1.68
CA LEU A 268 -20.73 9.54 -1.54
C LEU A 268 -20.41 10.55 -0.44
N LYS A 269 -21.08 11.70 -0.45
CA LYS A 269 -20.81 12.69 0.59
C LYS A 269 -21.06 12.12 1.98
N ASP A 270 -22.16 11.38 2.15
CA ASP A 270 -22.45 10.81 3.46
C ASP A 270 -21.36 9.82 3.89
N LEU A 271 -20.95 8.93 3.00
CA LEU A 271 -19.90 8.00 3.37
C LEU A 271 -18.63 8.74 3.76
N LEU A 272 -18.26 9.76 2.98
CA LEU A 272 -17.02 10.47 3.23
C LEU A 272 -17.06 11.26 4.54
N ARG A 273 -18.22 11.83 4.90
CA ARG A 273 -18.30 12.50 6.21
C ARG A 273 -18.04 11.53 7.35
N ASN A 274 -18.40 10.26 7.18
CA ASN A 274 -18.23 9.27 8.23
C ASN A 274 -16.85 8.65 8.23
N LEU A 275 -16.15 8.61 7.09
CA LEU A 275 -14.74 8.20 7.08
C LEU A 275 -13.81 9.33 7.50
N LEU A 276 -14.11 10.55 7.06
CA LEU A 276 -13.32 11.74 7.37
C LEU A 276 -13.82 12.40 8.63
N GLN A 277 -14.16 11.58 9.59
CA GLN A 277 -14.62 12.00 10.90
C GLN A 277 -13.40 12.25 11.78
N VAL A 278 -13.24 13.50 12.26
N VAL A 278 -13.22 13.50 12.22
CA VAL A 278 -12.05 13.85 13.02
CA VAL A 278 -12.06 13.84 13.03
C VAL A 278 -12.04 13.18 14.39
C VAL A 278 -12.05 13.04 14.32
N ASP A 279 -13.21 12.86 14.93
CA ASP A 279 -13.30 12.12 16.19
C ASP A 279 -13.17 10.63 15.86
N LEU A 280 -12.02 10.03 16.19
CA LEU A 280 -11.78 8.64 15.81
C LEU A 280 -12.77 7.69 16.44
N THR A 281 -13.40 8.08 17.56
CA THR A 281 -14.37 7.21 18.20
C THR A 281 -15.73 7.21 17.49
N LYS A 282 -15.91 8.09 16.50
CA LYS A 282 -17.13 8.15 15.70
C LYS A 282 -16.89 7.80 14.24
N ARG A 283 -15.70 7.37 13.89
CA ARG A 283 -15.31 7.18 12.49
C ARG A 283 -15.72 5.79 12.00
N PHE A 284 -16.34 5.75 10.81
CA PHE A 284 -16.69 4.46 10.23
C PHE A 284 -15.45 3.58 10.10
N GLY A 285 -15.63 2.29 10.34
CA GLY A 285 -14.56 1.34 10.43
C GLY A 285 -14.08 1.13 11.85
N ASN A 286 -14.37 2.05 12.76
CA ASN A 286 -13.93 2.00 14.14
C ASN A 286 -15.08 1.99 15.14
N LEU A 287 -16.31 1.71 14.68
CA LEU A 287 -17.46 1.60 15.56
C LEU A 287 -17.71 0.13 15.89
N LYS A 288 -18.75 -0.12 16.69
CA LYS A 288 -19.04 -1.48 17.15
C LYS A 288 -19.23 -2.44 15.98
N ASN A 289 -19.80 -1.99 14.88
CA ASN A 289 -20.03 -2.87 13.74
C ASN A 289 -18.85 -2.92 12.78
N GLY A 290 -17.75 -2.27 13.11
CA GLY A 290 -16.52 -2.40 12.34
C GLY A 290 -16.71 -2.12 10.88
N VAL A 291 -16.12 -2.99 10.06
CA VAL A 291 -16.10 -2.76 8.62
C VAL A 291 -17.50 -2.80 8.02
N ASN A 292 -18.46 -3.42 8.70
CA ASN A 292 -19.78 -3.58 8.12
C ASN A 292 -20.53 -2.26 7.99
N ASP A 293 -20.21 -1.25 8.79
CA ASP A 293 -20.81 0.05 8.56
C ASP A 293 -20.41 0.61 7.19
N ILE A 294 -19.20 0.28 6.73
CA ILE A 294 -18.76 0.68 5.41
C ILE A 294 -19.39 -0.20 4.34
N LYS A 295 -19.28 -1.52 4.50
CA LYS A 295 -19.75 -2.43 3.46
C LYS A 295 -21.25 -2.31 3.23
N ASN A 296 -22.02 -1.93 4.25
CA ASN A 296 -23.47 -1.83 4.17
C ASN A 296 -23.94 -0.43 3.81
N HIS A 297 -23.02 0.51 3.63
CA HIS A 297 -23.42 1.86 3.29
C HIS A 297 -24.05 1.92 1.91
N LYS A 298 -25.02 2.81 1.74
CA LYS A 298 -25.69 2.91 0.45
C LYS A 298 -24.74 3.18 -0.72
N TRP A 299 -23.62 3.88 -0.50
CA TRP A 299 -22.70 4.09 -1.62
C TRP A 299 -22.17 2.78 -2.18
N PHE A 300 -22.13 1.73 -1.36
CA PHE A 300 -21.68 0.41 -1.80
C PHE A 300 -22.83 -0.54 -2.13
N ALA A 301 -24.06 -0.05 -2.29
CA ALA A 301 -25.19 -0.96 -2.47
C ALA A 301 -25.06 -1.83 -3.72
N THR A 302 -24.41 -1.34 -4.78
CA THR A 302 -24.24 -2.14 -6.00
C THR A 302 -23.06 -3.09 -5.94
N THR A 303 -22.27 -3.07 -4.87
CA THR A 303 -21.05 -3.86 -4.80
C THR A 303 -21.35 -5.29 -4.38
N ASP A 304 -20.91 -6.24 -5.17
CA ASP A 304 -20.98 -7.65 -4.82
C ASP A 304 -19.62 -8.01 -4.22
N TRP A 305 -19.55 -8.02 -2.88
CA TRP A 305 -18.26 -8.16 -2.21
C TRP A 305 -17.56 -9.46 -2.56
N ILE A 306 -18.31 -10.57 -2.61
CA ILE A 306 -17.69 -11.84 -2.94
C ILE A 306 -17.18 -11.84 -4.37
N ALA A 307 -17.94 -11.26 -5.29
CA ALA A 307 -17.50 -11.25 -6.69
C ALA A 307 -16.24 -10.43 -6.85
N ILE A 308 -16.12 -9.32 -6.10
CA ILE A 308 -14.88 -8.54 -6.12
C ILE A 308 -13.72 -9.40 -5.61
N TYR A 309 -13.92 -10.03 -4.46
CA TYR A 309 -12.87 -10.87 -3.89
C TYR A 309 -12.42 -11.94 -4.88
N GLN A 310 -13.36 -12.58 -5.57
CA GLN A 310 -13.06 -13.65 -6.51
C GLN A 310 -12.61 -13.13 -7.87
N ARG A 311 -12.51 -11.81 -8.05
N ARG A 311 -12.52 -11.81 -8.03
CA ARG A 311 -12.03 -11.21 -9.30
CA ARG A 311 -12.08 -11.19 -9.28
C ARG A 311 -12.97 -11.49 -10.49
C ARG A 311 -12.94 -11.66 -10.44
N LYS A 312 -14.26 -11.63 -10.23
CA LYS A 312 -15.23 -11.97 -11.26
C LYS A 312 -15.94 -10.75 -11.85
N VAL A 313 -15.69 -9.57 -11.32
CA VAL A 313 -16.26 -8.34 -11.84
C VAL A 313 -15.35 -7.81 -12.97
N GLU A 314 -15.95 -7.38 -14.08
CA GLU A 314 -15.18 -6.75 -15.13
C GLU A 314 -14.70 -5.38 -14.67
N ALA A 315 -13.41 -5.12 -14.81
CA ALA A 315 -12.80 -3.91 -14.32
C ALA A 315 -13.15 -2.70 -15.18
N PRO A 316 -13.06 -1.50 -14.61
CA PRO A 316 -13.34 -0.27 -15.36
C PRO A 316 -12.39 -0.03 -16.50
N PHE A 317 -11.13 -0.44 -16.37
CA PHE A 317 -10.24 -0.40 -17.51
C PHE A 317 -9.04 -1.30 -17.28
N ILE A 318 -8.50 -1.76 -18.39
CA ILE A 318 -7.31 -2.59 -18.42
C ILE A 318 -6.17 -1.68 -18.85
N PRO A 319 -5.11 -1.57 -18.07
CA PRO A 319 -3.99 -0.74 -18.49
C PRO A 319 -3.40 -1.28 -19.77
N LYS A 320 -2.88 -0.36 -20.58
CA LYS A 320 -2.23 -0.71 -21.83
C LYS A 320 -0.76 -1.01 -21.55
N PHE A 321 -0.34 -2.20 -21.92
CA PHE A 321 1.07 -2.57 -21.81
C PHE A 321 1.25 -3.76 -22.74
N LYS A 322 2.50 -4.00 -23.12
CA LYS A 322 2.80 -4.96 -24.18
C LYS A 322 3.14 -6.34 -23.66
N GLY A 323 3.48 -6.47 -22.39
CA GLY A 323 3.91 -7.74 -21.85
C GLY A 323 4.49 -7.56 -20.47
N PRO A 324 4.87 -8.68 -19.84
CA PRO A 324 5.35 -8.62 -18.45
C PRO A 324 6.66 -7.88 -18.27
N GLY A 325 7.38 -7.57 -19.33
CA GLY A 325 8.60 -6.79 -19.26
C GLY A 325 8.43 -5.34 -19.64
N ASP A 326 7.22 -4.91 -19.96
CA ASP A 326 7.01 -3.54 -20.42
C ASP A 326 7.06 -2.60 -19.22
N THR A 327 7.88 -1.55 -19.33
CA THR A 327 8.02 -0.54 -18.30
C THR A 327 7.35 0.80 -18.66
N SER A 328 6.56 0.83 -19.74
N SER A 328 6.55 0.83 -19.73
CA SER A 328 6.04 2.10 -20.25
CA SER A 328 6.02 2.07 -20.28
C SER A 328 5.17 2.83 -19.25
C SER A 328 5.07 2.80 -19.33
N ASN A 329 4.49 2.11 -18.36
CA ASN A 329 3.60 2.76 -17.40
C ASN A 329 4.32 3.28 -16.16
N PHE A 330 5.62 3.11 -16.08
CA PHE A 330 6.43 3.72 -15.05
C PHE A 330 7.34 4.74 -15.69
N ASP A 331 7.95 5.57 -14.87
CA ASP A 331 8.70 6.70 -15.40
C ASP A 331 10.20 6.48 -15.30
N ASP A 332 10.94 7.48 -15.73
CA ASP A 332 12.37 7.35 -15.99
C ASP A 332 13.20 7.99 -14.89
N TYR A 333 14.18 7.25 -14.40
CA TYR A 333 15.07 7.69 -13.34
C TYR A 333 16.51 7.43 -13.77
N GLU A 334 17.41 8.22 -13.23
CA GLU A 334 18.83 7.98 -13.43
C GLU A 334 19.17 6.57 -12.95
N GLU A 335 19.92 5.83 -13.77
CA GLU A 335 20.30 4.45 -13.45
C GLU A 335 21.60 4.48 -12.64
N GLU A 336 21.52 4.10 -11.36
CA GLU A 336 22.66 4.09 -10.45
C GLU A 336 23.10 2.66 -10.13
N GLU A 337 24.38 2.51 -9.74
CA GLU A 337 24.94 1.20 -9.39
C GLU A 337 24.22 0.54 -8.23
N ILE A 338 24.27 -0.81 -8.20
CA ILE A 338 23.93 -1.59 -7.01
C ILE A 338 25.25 -2.10 -6.47
N ARG A 339 25.88 -1.33 -5.61
CA ARG A 339 27.20 -1.65 -5.11
C ARG A 339 27.07 -2.47 -3.83
N VAL A 340 27.89 -3.50 -3.71
CA VAL A 340 27.90 -4.35 -2.54
C VAL A 340 29.29 -4.27 -1.91
N SEP A 341 29.36 -3.72 -0.70
CA SEP A 341 30.63 -3.49 -0.05
CB SEP A 341 30.42 -2.77 1.28
OG SEP A 341 31.61 -2.74 2.06
C SEP A 341 31.35 -4.80 0.18
O SEP A 341 30.72 -5.86 0.30
P SEP A 341 32.62 -1.53 1.68
O1P SEP A 341 33.49 -1.27 3.00
O2P SEP A 341 31.83 -0.21 1.26
O3P SEP A 341 33.47 -2.07 0.44
H SEP A 341 28.68 -3.49 -0.23
HA SEP A 341 31.20 -2.92 -0.62
HB2 SEP A 341 29.73 -3.22 1.78
HB3 SEP A 341 30.14 -1.85 1.11
N ILE A 342 32.67 -4.71 0.26
CA ILE A 342 33.48 -5.85 0.61
C ILE A 342 33.35 -6.22 2.10
N ASN A 343 32.83 -5.29 2.90
CA ASN A 343 32.66 -5.49 4.34
C ASN A 343 31.18 -5.44 4.71
N GLU A 344 30.79 -6.29 5.64
CA GLU A 344 29.40 -6.31 6.10
C GLU A 344 29.06 -5.04 6.87
N LYS A 345 27.95 -4.41 6.51
CA LYS A 345 27.46 -3.22 7.20
C LYS A 345 26.22 -3.55 8.01
N CYS A 346 26.17 -3.06 9.24
CA CYS A 346 24.95 -3.08 10.05
C CYS A 346 24.41 -4.49 10.22
N GLY A 347 25.30 -5.48 10.34
CA GLY A 347 24.84 -6.85 10.43
C GLY A 347 23.93 -7.07 11.62
N LYS A 348 24.32 -6.53 12.77
CA LYS A 348 23.55 -6.72 14.00
C LYS A 348 22.12 -6.20 13.83
N GLU A 349 21.98 -4.99 13.30
CA GLU A 349 20.66 -4.37 13.21
C GLU A 349 19.69 -5.20 12.38
N PHE A 350 20.19 -5.90 11.37
CA PHE A 350 19.34 -6.59 10.40
C PHE A 350 19.44 -8.11 10.49
N THR A 351 19.85 -8.64 11.65
N THR A 351 19.88 -8.62 11.64
CA THR A 351 20.05 -10.08 11.77
CA THR A 351 20.03 -10.07 11.83
C THR A 351 18.78 -10.86 11.43
C THR A 351 18.78 -10.84 11.43
N GLU A 352 17.60 -10.33 11.78
CA GLU A 352 16.39 -11.12 11.56
C GLU A 352 15.90 -11.06 10.12
N PHE A 353 16.41 -10.14 9.31
CA PHE A 353 15.94 -10.03 7.94
C PHE A 353 16.32 -11.25 7.13
O01 3AE B . 5.75 -4.54 -7.51
C01 3AE B . 6.57 -1.44 -9.19
C02 3AE B . 6.31 -2.35 -8.18
F01 3AE B . 8.86 1.86 -7.76
F02 3AE B . 6.88 2.53 -7.79
O 3AE B . 5.57 -4.00 -9.67
C03 3AE B . 5.87 -3.72 -8.52
C04 3AE B . 6.90 -0.67 -6.56
C05 3AE B . 7.19 0.23 -7.58
C06 3AE B . 6.47 -1.95 -6.85
F 3AE B . 7.74 1.86 -5.96
C07 3AE B . 7.66 1.62 -7.27
C 3AE B . 7.01 -0.16 -8.89
C MOH C . -9.92 -15.07 -5.05
O MOH C . -9.37 -14.09 -5.88
S DMS D . 19.25 -19.23 -1.66
O DMS D . 19.25 -19.01 -3.14
C1 DMS D . 19.78 -20.94 -1.33
C2 DMS D . 20.65 -18.34 -0.93
S DMS E . -7.75 -17.87 2.98
O DMS E . -6.68 -16.89 3.36
C1 DMS E . -7.04 -19.50 2.64
C2 DMS E . -8.83 -18.18 4.40
#